data_7DHL
#
_entry.id   7DHL
#
_cell.length_a   48.140
_cell.length_b   61.400
_cell.length_c   59.895
_cell.angle_alpha   90.000
_cell.angle_beta   112.880
_cell.angle_gamma   90.000
#
_symmetry.space_group_name_H-M   'P 1 21 1'
#
loop_
_entity.id
_entity.type
_entity.pdbx_description
1 polymer 'Fibroblast growth factor receptor 3'
2 non-polymer 5-[2-(3,5-dimethoxyphenyl)ethyl]-N-[3-methoxy-4-[4-(4-methylpiperazin-1-yl)piperidin-1-yl]phenyl]pyrimidin-2-amine
3 water water
#
_entity_poly.entity_id   1
_entity_poly.type   'polypeptide(L)'
_entity_poly.pdbx_seq_one_letter_code
;GSHMLAGVSEYELPEDPKWEFPRDKLTLGKPLGEGCFGQVVMAEAIGIDKDRAAKPVTVAVKMLKDDATDKDLSDLVSEM
EMMKMIGKHKNIINLLGACTQGGPLYVLVEYAAKGNLREFLRARRPPGLD(PTR)SFDTCKPPEEQLTFKDLVSCAYQVA
RGMEYLASQKCIHRDLAARNVLVTEDNVMKIADFGLARDVHNLD(PTR)(PTR)KKTTNGRLPVKWMAPEALFDRVYTHQ
SDVWSFGVLLWEIFTLGGSPYPGIPVEELFKLLKEGHRMDKPANCTHDLYMIMRECWHAAPSQRPTFKQLVEDLDRVLTV
TSTDE
;
_entity_poly.pdbx_strand_id   A
#
loop_
_chem_comp.id
_chem_comp.type
_chem_comp.name
_chem_comp.formula
H6X non-polymer 5-[2-(3,5-dimethoxyphenyl)ethyl]-N-[3-methoxy-4-[4-(4-methylpiperazin-1-yl)piperidin-1-yl]phenyl]pyrimidin-2-amine 'C31 H42 N6 O3'
#
# COMPACT_ATOMS: atom_id res chain seq x y z
N PRO A 14 -16.76 19.71 7.92
CA PRO A 14 -18.15 19.46 7.49
C PRO A 14 -18.70 18.12 7.99
N GLU A 15 -20.01 18.07 8.23
CA GLU A 15 -20.62 16.90 8.85
C GLU A 15 -20.77 15.76 7.83
N ASP A 16 -20.70 14.52 8.36
CA ASP A 16 -21.01 13.31 7.62
C ASP A 16 -21.47 12.26 8.64
N PRO A 17 -22.75 12.30 9.07
CA PRO A 17 -23.22 11.52 10.23
C PRO A 17 -23.16 10.00 10.12
N LYS A 18 -23.19 9.49 8.88
CA LYS A 18 -23.18 8.04 8.66
C LYS A 18 -21.82 7.45 8.99
N TRP A 19 -20.75 8.27 8.86
CA TRP A 19 -19.39 7.83 9.15
C TRP A 19 -18.99 8.19 10.58
N GLU A 20 -19.71 9.14 11.19
CA GLU A 20 -19.34 9.70 12.48
C GLU A 20 -19.41 8.62 13.56
N PHE A 21 -18.49 8.69 14.53
CA PHE A 21 -18.38 7.66 15.54
C PHE A 21 -18.34 8.30 16.93
N PRO A 22 -19.04 7.72 17.94
CA PRO A 22 -19.06 8.28 19.29
C PRO A 22 -17.70 8.16 19.98
N ARG A 23 -17.23 9.29 20.53
CA ARG A 23 -15.88 9.42 21.05
C ARG A 23 -15.67 8.57 22.28
N ASP A 24 -16.75 8.38 23.06
CA ASP A 24 -16.72 7.72 24.36
C ASP A 24 -16.76 6.21 24.18
N LYS A 25 -16.94 5.75 22.93
CA LYS A 25 -16.92 4.33 22.63
C LYS A 25 -15.52 3.91 22.18
N LEU A 26 -14.61 4.90 22.06
CA LEU A 26 -13.27 4.69 21.55
C LEU A 26 -12.23 4.88 22.66
N THR A 27 -11.28 3.94 22.77
CA THR A 27 -10.18 4.04 23.72
C THR A 27 -8.85 3.82 22.99
N LEU A 28 -8.05 4.89 22.89
CA LEU A 28 -6.78 4.87 22.17
C LEU A 28 -5.76 4.03 22.92
N GLY A 29 -4.96 3.26 22.17
CA GLY A 29 -3.98 2.33 22.70
C GLY A 29 -2.56 2.55 22.17
N LYS A 30 -1.80 1.44 22.05
CA LYS A 30 -0.38 1.44 21.80
C LYS A 30 -0.09 1.94 20.39
N PRO A 31 0.96 2.77 20.19
CA PRO A 31 1.37 3.24 18.85
C PRO A 31 1.73 2.10 17.90
N LEU A 32 1.45 2.34 16.62
CA LEU A 32 1.69 1.35 15.58
C LEU A 32 2.81 1.84 14.69
N GLY A 33 2.99 3.16 14.65
CA GLY A 33 4.03 3.82 13.88
C GLY A 33 3.55 5.17 13.38
N GLU A 34 4.48 5.98 12.85
CA GLU A 34 4.08 7.27 12.31
C GLU A 34 4.51 7.39 10.86
N GLY A 35 3.74 8.17 10.08
CA GLY A 35 4.04 8.49 8.69
C GLY A 35 4.27 9.99 8.49
N CYS A 36 4.12 10.45 7.24
CA CYS A 36 4.42 11.81 6.83
C CYS A 36 3.53 12.81 7.57
N PHE A 37 2.21 12.60 7.55
CA PHE A 37 1.29 13.61 8.05
C PHE A 37 0.37 13.06 9.15
N GLY A 38 0.69 11.89 9.71
CA GLY A 38 -0.14 11.32 10.76
C GLY A 38 0.59 10.21 11.52
N GLN A 39 0.05 9.88 12.70
CA GLN A 39 0.55 8.77 13.49
C GLN A 39 -0.60 7.78 13.66
N VAL A 40 -0.25 6.51 13.86
CA VAL A 40 -1.27 5.48 13.95
C VAL A 40 -1.17 4.82 15.31
N VAL A 41 -2.32 4.57 15.96
CA VAL A 41 -2.34 3.82 17.21
C VAL A 41 -3.40 2.72 17.11
N MET A 42 -3.24 1.67 17.93
CA MET A 42 -4.31 0.73 18.21
C MET A 42 -5.37 1.42 19.08
N ALA A 43 -6.62 0.99 18.95
CA ALA A 43 -7.71 1.49 19.80
C ALA A 43 -8.77 0.41 19.94
N GLU A 44 -9.65 0.60 20.94
CA GLU A 44 -10.83 -0.22 21.08
C GLU A 44 -12.04 0.64 20.73
N ALA A 45 -12.88 0.14 19.83
CA ALA A 45 -14.10 0.85 19.45
C ALA A 45 -15.29 -0.05 19.78
N ILE A 46 -16.15 0.41 20.70
CA ILE A 46 -17.27 -0.40 21.13
C ILE A 46 -18.40 -0.25 20.12
N GLY A 47 -18.82 -1.40 19.56
CA GLY A 47 -20.01 -1.51 18.72
C GLY A 47 -19.74 -1.08 17.29
N ILE A 48 -18.46 -1.17 16.89
CA ILE A 48 -18.07 -0.86 15.54
C ILE A 48 -18.71 -1.90 14.63
N ASP A 49 -18.78 -3.14 15.12
CA ASP A 49 -19.47 -4.22 14.44
C ASP A 49 -20.98 -4.03 14.66
N LYS A 50 -21.67 -3.59 13.60
CA LYS A 50 -23.08 -3.22 13.70
C LYS A 50 -23.95 -4.48 13.73
N ASP A 51 -23.35 -5.62 14.08
CA ASP A 51 -24.06 -6.89 14.23
C ASP A 51 -23.82 -7.45 15.63
N ARG A 52 -23.00 -6.73 16.42
CA ARG A 52 -22.67 -7.10 17.78
C ARG A 52 -22.31 -5.82 18.54
N ALA A 53 -23.34 -5.00 18.78
CA ALA A 53 -23.19 -3.60 19.11
C ALA A 53 -22.64 -3.42 20.54
N ALA A 54 -22.31 -4.54 21.19
CA ALA A 54 -21.96 -4.52 22.59
C ALA A 54 -20.45 -4.53 22.80
N LYS A 55 -19.72 -5.22 21.91
CA LYS A 55 -18.38 -5.70 22.22
C LYS A 55 -17.29 -4.85 21.55
N PRO A 56 -16.13 -4.65 22.24
CA PRO A 56 -15.05 -3.80 21.73
C PRO A 56 -14.24 -4.47 20.61
N VAL A 57 -14.01 -3.72 19.53
CA VAL A 57 -13.26 -4.22 18.39
C VAL A 57 -11.92 -3.51 18.33
N THR A 58 -10.87 -4.26 17.95
CA THR A 58 -9.57 -3.62 17.72
C THR A 58 -9.61 -2.96 16.34
N VAL A 59 -9.25 -1.68 16.32
CA VAL A 59 -9.20 -0.87 15.11
C VAL A 59 -7.87 -0.13 15.13
N ALA A 60 -7.55 0.52 14.02
CA ALA A 60 -6.41 1.43 13.99
C ALA A 60 -6.99 2.84 13.91
N VAL A 61 -6.29 3.79 14.54
CA VAL A 61 -6.67 5.20 14.47
C VAL A 61 -5.50 6.05 13.99
N LYS A 62 -5.76 6.79 12.90
CA LYS A 62 -4.84 7.77 12.38
C LYS A 62 -5.29 9.15 12.87
N MET A 63 -4.30 9.94 13.31
CA MET A 63 -4.48 11.27 13.88
C MET A 63 -3.23 12.09 13.56
N LEU A 64 -3.33 13.39 13.81
CA LEU A 64 -2.23 14.31 13.55
C LEU A 64 -1.07 13.99 14.50
N LYS A 65 0.15 14.37 14.09
CA LYS A 65 1.32 14.21 14.92
C LYS A 65 1.48 15.46 15.78
N ASP A 66 2.44 15.43 16.71
CA ASP A 66 2.65 16.50 17.67
C ASP A 66 3.22 17.76 17.01
N ASP A 67 3.70 17.64 15.76
CA ASP A 67 4.34 18.75 15.03
C ASP A 67 3.59 19.05 13.74
N ALA A 68 2.28 18.79 13.70
CA ALA A 68 1.51 18.75 12.47
C ALA A 68 1.29 20.15 11.89
N THR A 69 1.41 20.24 10.57
CA THR A 69 1.19 21.48 9.84
C THR A 69 -0.28 21.58 9.46
N ASP A 70 -0.69 22.79 9.02
CA ASP A 70 -1.99 23.03 8.42
C ASP A 70 -2.24 22.08 7.25
N LYS A 71 -1.18 21.72 6.52
CA LYS A 71 -1.27 20.93 5.30
C LYS A 71 -1.46 19.46 5.66
N ASP A 72 -0.84 19.04 6.76
CA ASP A 72 -1.00 17.68 7.29
C ASP A 72 -2.47 17.41 7.59
N LEU A 73 -3.18 18.41 8.14
CA LEU A 73 -4.57 18.23 8.47
C LEU A 73 -5.44 18.06 7.22
N SER A 74 -5.16 18.85 6.18
CA SER A 74 -5.93 18.73 4.94
C SER A 74 -5.57 17.45 4.20
N ASP A 75 -4.31 17.01 4.32
CA ASP A 75 -3.87 15.74 3.74
C ASP A 75 -4.59 14.58 4.40
N LEU A 76 -4.84 14.66 5.72
CA LEU A 76 -5.44 13.53 6.41
C LEU A 76 -6.94 13.47 6.14
N VAL A 77 -7.57 14.64 6.00
CA VAL A 77 -8.99 14.69 5.67
C VAL A 77 -9.14 14.13 4.25
N SER A 78 -8.17 14.48 3.41
CA SER A 78 -8.13 14.15 2.00
C SER A 78 -8.04 12.63 1.83
N GLU A 79 -7.23 11.98 2.67
CA GLU A 79 -7.05 10.55 2.66
C GLU A 79 -8.31 9.84 3.15
N MET A 80 -9.04 10.46 4.09
CA MET A 80 -10.29 9.91 4.58
C MET A 80 -11.33 9.96 3.47
N GLU A 81 -11.33 11.02 2.66
CA GLU A 81 -12.29 11.15 1.58
C GLU A 81 -12.03 10.15 0.46
N MET A 82 -10.74 9.89 0.16
CA MET A 82 -10.32 8.94 -0.86
C MET A 82 -10.85 7.55 -0.53
N MET A 83 -10.98 7.25 0.77
CA MET A 83 -11.37 5.92 1.19
C MET A 83 -12.88 5.76 1.04
N LYS A 84 -13.63 6.81 1.40
CA LYS A 84 -15.08 6.84 1.30
C LYS A 84 -15.48 6.67 -0.17
N MET A 85 -14.72 7.34 -1.04
CA MET A 85 -14.89 7.32 -2.48
C MET A 85 -14.78 5.89 -3.00
N ILE A 86 -13.53 5.40 -3.07
CA ILE A 86 -13.09 4.09 -3.53
C ILE A 86 -14.10 2.98 -3.24
N GLY A 87 -14.64 2.94 -2.02
CA GLY A 87 -15.58 1.89 -1.67
C GLY A 87 -14.84 0.65 -1.15
N LYS A 88 -15.60 -0.38 -0.76
CA LYS A 88 -15.03 -1.50 -0.03
C LYS A 88 -14.50 -2.58 -0.99
N HIS A 89 -13.41 -3.24 -0.57
CA HIS A 89 -12.80 -4.38 -1.26
C HIS A 89 -11.98 -5.19 -0.26
N LYS A 90 -11.96 -6.52 -0.49
CA LYS A 90 -11.29 -7.47 0.40
C LYS A 90 -9.79 -7.18 0.50
N ASN A 91 -9.23 -6.56 -0.55
CA ASN A 91 -7.79 -6.38 -0.64
C ASN A 91 -7.39 -4.92 -0.38
N ILE A 92 -8.31 -4.13 0.19
CA ILE A 92 -8.00 -2.76 0.54
C ILE A 92 -8.33 -2.57 2.02
N ILE A 93 -7.52 -1.78 2.72
CA ILE A 93 -7.81 -1.45 4.11
C ILE A 93 -9.03 -0.54 4.10
N ASN A 94 -10.06 -0.89 4.89
CA ASN A 94 -11.34 -0.22 4.81
C ASN A 94 -11.56 0.77 5.96
N LEU A 95 -12.23 1.88 5.63
CA LEU A 95 -12.67 2.90 6.56
C LEU A 95 -13.81 2.37 7.43
N LEU A 96 -13.73 2.65 8.73
CA LEU A 96 -14.69 2.13 9.69
C LEU A 96 -15.50 3.27 10.30
N GLY A 97 -14.88 4.43 10.44
CA GLY A 97 -15.55 5.59 10.98
C GLY A 97 -14.58 6.75 11.17
N ALA A 98 -15.05 7.82 11.80
CA ALA A 98 -14.22 8.98 12.10
C ALA A 98 -14.89 9.83 13.19
N CYS A 99 -14.10 10.27 14.17
CA CYS A 99 -14.50 11.34 15.08
C CYS A 99 -13.97 12.65 14.51
N THR A 100 -14.90 13.48 14.04
CA THR A 100 -14.55 14.70 13.32
C THR A 100 -15.09 15.93 14.02
N GLN A 101 -15.98 15.76 15.01
CA GLN A 101 -16.66 16.88 15.65
C GLN A 101 -16.34 16.91 17.14
N GLY A 102 -16.10 18.12 17.66
CA GLY A 102 -15.89 18.33 19.08
C GLY A 102 -14.66 17.59 19.60
N GLY A 103 -13.52 17.83 18.95
CA GLY A 103 -12.27 17.23 19.41
C GLY A 103 -11.29 17.01 18.27
N PRO A 104 -10.13 16.37 18.54
CA PRO A 104 -9.13 16.10 17.50
C PRO A 104 -9.65 15.03 16.53
N LEU A 105 -9.43 15.26 15.23
CA LEU A 105 -9.69 14.30 14.18
C LEU A 105 -9.03 12.93 14.45
N TYR A 106 -9.86 11.89 14.56
CA TYR A 106 -9.41 10.51 14.51
C TYR A 106 -10.09 9.79 13.36
N VAL A 107 -9.33 9.02 12.58
CA VAL A 107 -9.89 8.23 11.50
C VAL A 107 -9.75 6.76 11.85
N LEU A 108 -10.90 6.06 11.89
CA LEU A 108 -10.96 4.67 12.32
C LEU A 108 -10.92 3.75 11.10
N VAL A 109 -10.02 2.76 11.19
CA VAL A 109 -9.61 1.98 10.03
C VAL A 109 -9.39 0.55 10.52
N GLU A 110 -9.59 -0.45 9.65
CA GLU A 110 -9.38 -1.83 10.07
C GLU A 110 -7.93 -2.07 10.48
N TYR A 111 -7.79 -2.90 11.51
CA TYR A 111 -6.50 -3.23 12.08
C TYR A 111 -5.96 -4.52 11.46
N ALA A 112 -4.78 -4.44 10.84
CA ALA A 112 -4.13 -5.64 10.35
C ALA A 112 -3.15 -6.12 11.40
N ALA A 113 -3.37 -7.35 11.88
CA ALA A 113 -2.67 -7.90 13.03
C ALA A 113 -1.21 -8.22 12.73
N LYS A 114 -0.86 -8.51 11.46
CA LYS A 114 0.47 -9.03 11.17
C LYS A 114 1.41 -7.97 10.60
N GLY A 115 1.08 -6.69 10.81
CA GLY A 115 1.92 -5.58 10.35
C GLY A 115 1.97 -5.46 8.81
N ASN A 116 2.97 -4.72 8.31
CA ASN A 116 3.12 -4.56 6.88
C ASN A 116 3.89 -5.74 6.27
N LEU A 117 3.72 -5.91 4.95
CA LEU A 117 4.21 -7.07 4.20
C LEU A 117 5.74 -7.13 4.25
N ARG A 118 6.38 -5.95 4.28
CA ARG A 118 7.83 -5.90 4.26
C ARG A 118 8.36 -6.61 5.51
N GLU A 119 7.82 -6.25 6.67
CA GLU A 119 8.30 -6.80 7.92
C GLU A 119 7.83 -8.25 8.02
N PHE A 120 6.61 -8.49 7.55
CA PHE A 120 6.03 -9.83 7.49
C PHE A 120 7.01 -10.78 6.83
N LEU A 121 7.44 -10.46 5.60
CA LEU A 121 8.36 -11.28 4.85
C LEU A 121 9.68 -11.42 5.60
N ARG A 122 10.24 -10.28 6.07
CA ARG A 122 11.55 -10.26 6.72
C ARG A 122 11.52 -11.21 7.91
N ALA A 123 10.45 -11.12 8.69
CA ALA A 123 10.31 -11.84 9.95
C ALA A 123 10.28 -13.35 9.71
N ARG A 124 9.98 -13.80 8.48
CA ARG A 124 9.97 -15.24 8.26
C ARG A 124 10.94 -15.65 7.16
N ARG A 125 12.12 -15.03 7.14
CA ARG A 125 13.25 -15.57 6.40
C ARG A 125 13.83 -16.77 7.16
N PRO A 126 14.46 -17.77 6.49
CA PRO A 126 15.12 -18.86 7.20
C PRO A 126 16.30 -18.34 8.03
N PRO A 127 16.36 -18.69 9.34
CA PRO A 127 17.31 -18.07 10.27
C PRO A 127 18.81 -18.35 10.03
N GLY A 128 19.12 -19.53 9.47
CA GLY A 128 20.50 -19.97 9.35
C GLY A 128 20.77 -21.21 10.21
N LEU A 129 21.82 -21.96 9.85
CA LEU A 129 22.08 -23.27 10.43
C LEU A 129 22.30 -23.16 11.95
N ASP A 130 23.06 -22.14 12.38
CA ASP A 130 23.45 -22.04 13.78
C ASP A 130 22.72 -20.90 14.49
N PTR A 131 21.61 -20.44 13.88
CA PTR A 131 20.88 -19.31 14.43
C PTR A 131 19.42 -19.68 14.69
O PTR A 131 18.90 -20.62 14.08
CB PTR A 131 21.00 -18.09 13.50
CG PTR A 131 22.40 -17.56 13.40
CD1 PTR A 131 22.90 -16.68 14.35
CD2 PTR A 131 23.25 -18.00 12.39
CE1 PTR A 131 24.20 -16.20 14.29
CE2 PTR A 131 24.56 -17.55 12.31
CZ PTR A 131 25.01 -16.64 13.26
OH PTR A 131 26.33 -16.19 13.18
P PTR A 131 26.99 -15.57 11.88
O1P PTR A 131 27.49 -14.18 12.19
O2P PTR A 131 28.13 -16.51 11.51
O3P PTR A 131 25.98 -15.50 10.76
N SER A 132 18.81 -18.94 15.63
CA SER A 132 17.38 -18.90 15.88
C SER A 132 17.12 -17.80 16.90
N PHE A 133 15.93 -17.81 17.52
CA PHE A 133 15.51 -16.78 18.47
C PHE A 133 15.25 -17.41 19.85
N GLU A 141 4.09 -20.09 10.97
CA GLU A 141 4.71 -21.16 10.15
C GLU A 141 5.64 -20.56 9.09
N GLN A 142 6.19 -21.44 8.24
CA GLN A 142 7.12 -21.08 7.17
C GLN A 142 6.34 -20.70 5.92
N LEU A 143 6.93 -19.84 5.07
CA LEU A 143 6.31 -19.47 3.80
C LEU A 143 6.78 -20.42 2.72
N THR A 144 5.96 -20.55 1.66
CA THR A 144 6.24 -21.33 0.47
C THR A 144 6.22 -20.41 -0.74
N PHE A 145 6.70 -20.92 -1.88
CA PHE A 145 6.63 -20.20 -3.12
C PHE A 145 5.19 -19.82 -3.46
N LYS A 146 4.22 -20.65 -3.09
CA LYS A 146 2.83 -20.45 -3.48
C LYS A 146 2.27 -19.31 -2.65
N ASP A 147 2.71 -19.25 -1.40
CA ASP A 147 2.35 -18.15 -0.51
C ASP A 147 2.74 -16.81 -1.13
N LEU A 148 3.97 -16.70 -1.64
CA LEU A 148 4.49 -15.46 -2.20
C LEU A 148 3.67 -15.05 -3.42
N VAL A 149 3.29 -16.03 -4.25
CA VAL A 149 2.54 -15.75 -5.47
C VAL A 149 1.14 -15.27 -5.11
N SER A 150 0.58 -15.87 -4.06
CA SER A 150 -0.71 -15.48 -3.51
C SER A 150 -0.72 -14.00 -3.10
N CYS A 151 0.33 -13.57 -2.34
CA CYS A 151 0.48 -12.20 -1.90
C CYS A 151 0.46 -11.24 -3.08
N ALA A 152 1.21 -11.59 -4.14
CA ALA A 152 1.34 -10.76 -5.32
C ALA A 152 -0.01 -10.64 -6.02
N TYR A 153 -0.73 -11.78 -6.07
CA TYR A 153 -2.03 -11.84 -6.70
C TYR A 153 -3.03 -10.96 -5.96
N GLN A 154 -3.08 -11.11 -4.63
CA GLN A 154 -4.03 -10.34 -3.82
C GLN A 154 -3.81 -8.86 -4.07
N VAL A 155 -2.54 -8.42 -4.02
CA VAL A 155 -2.22 -7.02 -4.23
C VAL A 155 -2.70 -6.58 -5.61
N ALA A 156 -2.46 -7.41 -6.63
CA ALA A 156 -2.88 -7.12 -7.98
C ALA A 156 -4.40 -6.95 -8.06
N ARG A 157 -5.14 -7.79 -7.33
CA ARG A 157 -6.59 -7.75 -7.30
C ARG A 157 -7.09 -6.42 -6.71
N GLY A 158 -6.46 -5.99 -5.62
CA GLY A 158 -6.83 -4.75 -4.93
C GLY A 158 -6.51 -3.51 -5.76
N MET A 159 -5.39 -3.56 -6.49
CA MET A 159 -4.99 -2.46 -7.35
C MET A 159 -5.87 -2.40 -8.58
N GLU A 160 -6.36 -3.56 -9.02
CA GLU A 160 -7.30 -3.64 -10.13
C GLU A 160 -8.59 -2.92 -9.78
N TYR A 161 -9.14 -3.23 -8.60
CA TYR A 161 -10.35 -2.56 -8.14
C TYR A 161 -10.10 -1.07 -7.97
N LEU A 162 -8.93 -0.73 -7.41
CA LEU A 162 -8.54 0.64 -7.12
C LEU A 162 -8.55 1.44 -8.41
N ALA A 163 -7.97 0.86 -9.46
CA ALA A 163 -7.83 1.50 -10.76
C ALA A 163 -9.20 1.70 -11.40
N SER A 164 -10.10 0.72 -11.23
CA SER A 164 -11.40 0.81 -11.86
C SER A 164 -12.28 1.85 -11.15
N GLN A 165 -11.90 2.26 -9.94
CA GLN A 165 -12.54 3.37 -9.24
C GLN A 165 -11.89 4.70 -9.63
N LYS A 166 -11.16 4.69 -10.75
CA LYS A 166 -10.56 5.90 -11.32
C LYS A 166 -9.72 6.63 -10.27
N CYS A 167 -8.80 5.88 -9.64
CA CYS A 167 -7.91 6.40 -8.59
C CYS A 167 -6.50 5.82 -8.77
N ILE A 168 -5.48 6.62 -8.44
CA ILE A 168 -4.07 6.26 -8.57
C ILE A 168 -3.45 6.26 -7.18
N HIS A 169 -2.72 5.19 -6.83
CA HIS A 169 -2.14 5.01 -5.50
C HIS A 169 -0.91 5.91 -5.27
N ARG A 170 0.14 5.70 -6.08
CA ARG A 170 1.31 6.56 -6.10
C ARG A 170 2.27 6.22 -4.97
N ASP A 171 1.97 5.18 -4.20
CA ASP A 171 2.88 4.86 -3.10
C ASP A 171 2.87 3.36 -2.84
N LEU A 172 2.78 2.57 -3.92
CA LEU A 172 2.64 1.14 -3.77
C LEU A 172 4.03 0.54 -3.49
N ALA A 173 4.14 -0.14 -2.35
CA ALA A 173 5.38 -0.72 -1.87
C ALA A 173 5.00 -1.73 -0.80
N ALA A 174 5.92 -2.64 -0.44
CA ALA A 174 5.59 -3.67 0.53
C ALA A 174 5.22 -3.06 1.89
N ARG A 175 5.74 -1.88 2.21
CA ARG A 175 5.49 -1.29 3.51
C ARG A 175 4.05 -0.78 3.59
N ASN A 176 3.38 -0.65 2.44
CA ASN A 176 2.04 -0.07 2.33
C ASN A 176 1.01 -1.15 2.03
N VAL A 177 1.40 -2.41 2.23
CA VAL A 177 0.45 -3.52 2.22
C VAL A 177 0.47 -4.05 3.64
N LEU A 178 -0.72 -4.26 4.19
CA LEU A 178 -0.84 -4.73 5.56
C LEU A 178 -1.42 -6.15 5.51
N VAL A 179 -1.09 -6.96 6.52
CA VAL A 179 -1.41 -8.37 6.52
C VAL A 179 -2.29 -8.66 7.74
N THR A 180 -3.50 -9.16 7.50
CA THR A 180 -4.43 -9.51 8.58
C THR A 180 -4.04 -10.83 9.24
N GLU A 181 -4.74 -11.17 10.33
CA GLU A 181 -4.54 -12.38 11.11
C GLU A 181 -4.69 -13.60 10.19
N ASP A 182 -5.40 -13.40 9.08
CA ASP A 182 -5.73 -14.49 8.19
C ASP A 182 -4.82 -14.52 6.98
N ASN A 183 -3.79 -13.66 6.96
CA ASN A 183 -2.86 -13.59 5.85
C ASN A 183 -3.53 -13.00 4.61
N VAL A 184 -4.44 -12.05 4.82
CA VAL A 184 -5.04 -11.34 3.70
C VAL A 184 -4.26 -10.05 3.47
N MET A 185 -3.89 -9.80 2.20
CA MET A 185 -3.23 -8.55 1.82
C MET A 185 -4.26 -7.42 1.77
N LYS A 186 -3.90 -6.27 2.34
CA LYS A 186 -4.76 -5.10 2.37
C LYS A 186 -3.92 -3.89 1.98
N ILE A 187 -4.27 -3.25 0.86
CA ILE A 187 -3.54 -2.09 0.39
C ILE A 187 -3.85 -0.90 1.29
N ALA A 188 -2.79 -0.20 1.69
CA ALA A 188 -2.92 0.91 2.61
C ALA A 188 -2.22 2.14 2.04
N ASP A 189 -2.41 3.26 2.74
CA ASP A 189 -1.68 4.50 2.54
C ASP A 189 -2.15 5.21 1.29
N PHE A 190 -3.23 5.98 1.47
CA PHE A 190 -3.77 6.79 0.38
C PHE A 190 -3.26 8.23 0.53
N GLY A 191 -2.05 8.37 1.11
CA GLY A 191 -1.38 9.64 1.32
C GLY A 191 -1.11 10.41 0.03
N LEU A 192 -0.66 9.70 -1.03
CA LEU A 192 -0.37 10.31 -2.32
C LEU A 192 -1.43 9.94 -3.37
N ALA A 193 -2.48 9.22 -2.93
CA ALA A 193 -3.57 8.75 -3.77
C ALA A 193 -4.38 9.93 -4.33
N ARG A 194 -4.80 9.79 -5.60
CA ARG A 194 -5.37 10.89 -6.36
C ARG A 194 -6.57 10.39 -7.15
N ASP A 195 -7.62 11.22 -7.15
CA ASP A 195 -8.81 10.95 -7.93
C ASP A 195 -8.62 11.48 -9.35
N VAL A 196 -8.81 10.60 -10.34
CA VAL A 196 -8.55 10.91 -11.75
C VAL A 196 -9.79 10.60 -12.58
N HIS A 197 -10.98 10.80 -11.96
CA HIS A 197 -12.29 10.55 -12.56
C HIS A 197 -12.45 11.35 -13.85
N ASN A 198 -11.65 12.42 -13.98
CA ASN A 198 -11.75 13.36 -15.08
C ASN A 198 -10.85 12.92 -16.23
N LEU A 199 -9.55 13.17 -16.08
CA LEU A 199 -8.58 13.12 -17.18
C LEU A 199 -7.96 11.72 -17.27
N ASP A 200 -8.08 10.95 -16.18
CA ASP A 200 -7.60 9.58 -16.05
C ASP A 200 -6.07 9.50 -15.91
N PTR A 201 -5.46 10.61 -15.48
CA PTR A 201 -4.05 10.72 -15.13
C PTR A 201 -3.88 11.84 -14.10
O PTR A 201 -4.85 12.48 -13.70
CB PTR A 201 -3.21 10.99 -16.37
CG PTR A 201 -3.58 12.27 -17.07
CD1 PTR A 201 -3.27 13.50 -16.51
CD2 PTR A 201 -4.30 12.25 -18.27
CE1 PTR A 201 -3.64 14.68 -17.12
CE2 PTR A 201 -4.69 13.42 -18.90
CZ PTR A 201 -4.34 14.64 -18.32
OH PTR A 201 -4.73 15.85 -18.90
P PTR A 201 -3.95 16.68 -20.02
O1P PTR A 201 -2.56 17.07 -19.54
O2P PTR A 201 -4.79 17.92 -20.25
O3P PTR A 201 -3.88 15.83 -21.28
N PTR A 202 -2.63 12.08 -13.67
CA PTR A 202 -2.33 13.14 -12.73
C PTR A 202 -0.92 13.68 -12.99
O PTR A 202 0.04 12.92 -13.14
CB PTR A 202 -2.59 12.68 -11.29
CG PTR A 202 -1.86 13.49 -10.25
CD1 PTR A 202 -0.57 13.17 -9.87
CD2 PTR A 202 -2.45 14.61 -9.66
CE1 PTR A 202 0.13 13.92 -8.93
CE2 PTR A 202 -1.79 15.37 -8.71
CZ PTR A 202 -0.49 15.01 -8.36
OH PTR A 202 0.30 15.69 -7.44
P PTR A 202 -0.14 17.00 -6.66
O1P PTR A 202 0.83 17.23 -5.55
O2P PTR A 202 -0.08 18.09 -7.69
O3P PTR A 202 -1.54 16.83 -6.12
N LYS A 203 -0.80 15.02 -13.02
CA LYS A 203 0.44 15.76 -13.19
C LYS A 203 0.75 16.53 -11.91
N LYS A 204 1.97 16.36 -11.38
CA LYS A 204 2.34 16.82 -10.05
C LYS A 204 2.68 18.31 -10.06
N THR A 205 3.44 18.75 -11.08
CA THR A 205 3.73 20.16 -11.34
C THR A 205 4.56 20.80 -10.22
N THR A 206 4.65 20.14 -9.05
CA THR A 206 5.33 20.66 -7.87
C THR A 206 6.36 19.65 -7.35
N ASN A 207 7.33 20.16 -6.56
CA ASN A 207 8.34 19.34 -5.91
C ASN A 207 7.76 18.83 -4.60
N GLY A 208 8.21 17.64 -4.16
CA GLY A 208 7.68 17.00 -2.97
C GLY A 208 8.52 15.81 -2.54
N ARG A 209 8.09 15.16 -1.44
CA ARG A 209 8.75 13.98 -0.88
C ARG A 209 8.17 12.72 -1.54
N LEU A 210 9.01 12.00 -2.29
CA LEU A 210 8.52 10.97 -3.19
C LEU A 210 9.15 9.61 -2.90
N PRO A 211 8.38 8.50 -3.05
CA PRO A 211 8.93 7.15 -2.88
C PRO A 211 9.72 6.77 -4.12
N VAL A 212 10.93 7.36 -4.24
CA VAL A 212 11.63 7.51 -5.51
C VAL A 212 12.06 6.16 -6.09
N LYS A 213 12.37 5.18 -5.22
CA LYS A 213 12.92 3.92 -5.69
C LYS A 213 11.82 2.98 -6.19
N TRP A 214 10.55 3.39 -6.07
CA TRP A 214 9.43 2.59 -6.52
C TRP A 214 8.78 3.22 -7.75
N MET A 215 9.34 4.33 -8.25
CA MET A 215 8.61 5.17 -9.20
C MET A 215 9.13 5.00 -10.62
N ALA A 216 8.21 5.05 -11.59
CA ALA A 216 8.53 4.93 -13.01
C ALA A 216 9.20 6.21 -13.52
N PRO A 217 10.08 6.11 -14.54
CA PRO A 217 10.81 7.28 -15.06
C PRO A 217 9.89 8.45 -15.45
N GLU A 218 8.77 8.15 -16.09
CA GLU A 218 7.91 9.22 -16.56
C GLU A 218 7.37 9.99 -15.37
N ALA A 219 7.10 9.29 -14.26
CA ALA A 219 6.58 9.89 -13.06
C ALA A 219 7.70 10.67 -12.37
N LEU A 220 8.90 10.10 -12.39
CA LEU A 220 10.02 10.66 -11.67
C LEU A 220 10.61 11.86 -12.43
N PHE A 221 10.75 11.73 -13.75
CA PHE A 221 11.40 12.76 -14.54
C PHE A 221 10.39 13.80 -15.03
N ASP A 222 9.25 13.32 -15.55
CA ASP A 222 8.28 14.19 -16.23
C ASP A 222 7.04 14.43 -15.38
N ARG A 223 6.96 13.77 -14.22
CA ARG A 223 5.94 14.03 -13.21
C ARG A 223 4.54 13.64 -13.69
N VAL A 224 4.46 12.60 -14.53
CA VAL A 224 3.19 12.12 -15.07
C VAL A 224 2.84 10.83 -14.34
N TYR A 225 1.61 10.76 -13.80
CA TYR A 225 1.16 9.64 -13.00
C TYR A 225 -0.07 9.01 -13.65
N THR A 226 -0.12 7.68 -13.69
CA THR A 226 -1.21 6.95 -14.32
C THR A 226 -1.32 5.61 -13.63
N HIS A 227 -2.36 4.84 -13.97
CA HIS A 227 -2.42 3.46 -13.51
C HIS A 227 -1.15 2.74 -13.90
N GLN A 228 -0.48 3.24 -14.97
CA GLN A 228 0.65 2.58 -15.58
C GLN A 228 1.93 2.86 -14.80
N SER A 229 1.98 3.99 -14.07
CA SER A 229 3.11 4.20 -13.18
C SER A 229 2.97 3.35 -11.91
N ASP A 230 1.72 3.10 -11.49
CA ASP A 230 1.42 2.20 -10.39
C ASP A 230 1.90 0.78 -10.71
N VAL A 231 1.74 0.38 -11.98
CA VAL A 231 2.13 -0.93 -12.49
C VAL A 231 3.63 -1.10 -12.31
N TRP A 232 4.41 -0.05 -12.61
CA TRP A 232 5.84 -0.09 -12.44
C TRP A 232 6.17 -0.35 -10.97
N SER A 233 5.52 0.39 -10.06
CA SER A 233 5.75 0.23 -8.63
C SER A 233 5.46 -1.20 -8.21
N PHE A 234 4.36 -1.74 -8.75
CA PHE A 234 3.96 -3.10 -8.47
C PHE A 234 5.07 -4.08 -8.89
N GLY A 235 5.71 -3.82 -10.02
CA GLY A 235 6.90 -4.56 -10.42
C GLY A 235 7.94 -4.62 -9.30
N VAL A 236 8.18 -3.46 -8.65
CA VAL A 236 9.15 -3.33 -7.57
C VAL A 236 8.66 -4.08 -6.34
N LEU A 237 7.34 -4.09 -6.13
CA LEU A 237 6.77 -4.83 -5.02
C LEU A 237 7.02 -6.32 -5.25
N LEU A 238 6.90 -6.75 -6.51
CA LEU A 238 7.16 -8.14 -6.86
C LEU A 238 8.56 -8.53 -6.42
N TRP A 239 9.53 -7.70 -6.81
CA TRP A 239 10.90 -7.87 -6.38
C TRP A 239 10.98 -7.96 -4.85
N GLU A 240 10.23 -7.10 -4.12
CA GLU A 240 10.30 -7.10 -2.67
C GLU A 240 9.78 -8.44 -2.13
N ILE A 241 8.76 -9.00 -2.78
CA ILE A 241 8.09 -10.20 -2.30
C ILE A 241 9.03 -11.40 -2.39
N PHE A 242 9.69 -11.56 -3.55
CA PHE A 242 10.48 -12.74 -3.84
C PHE A 242 11.87 -12.67 -3.21
N THR A 243 12.30 -11.48 -2.78
CA THR A 243 13.55 -11.39 -2.03
C THR A 243 13.24 -11.43 -0.54
N LEU A 244 11.94 -11.60 -0.24
CA LEU A 244 11.42 -11.64 1.11
C LEU A 244 11.75 -10.34 1.83
N GLY A 245 11.39 -9.22 1.20
CA GLY A 245 11.50 -7.91 1.81
C GLY A 245 12.92 -7.32 1.70
N GLY A 246 13.54 -7.49 0.53
CA GLY A 246 14.80 -6.82 0.21
C GLY A 246 14.57 -5.36 -0.14
N SER A 247 15.56 -4.50 0.13
CA SER A 247 15.52 -3.08 -0.21
C SER A 247 16.01 -2.87 -1.63
N PRO A 248 15.22 -2.21 -2.50
CA PRO A 248 15.70 -1.89 -3.84
C PRO A 248 16.75 -0.78 -3.74
N TYR A 249 17.85 -0.98 -4.46
CA TYR A 249 18.92 0.00 -4.60
C TYR A 249 19.43 0.40 -3.21
N PRO A 250 19.98 -0.56 -2.43
CA PRO A 250 20.35 -0.30 -1.05
C PRO A 250 21.44 0.77 -0.94
N GLY A 251 21.23 1.72 -0.02
CA GLY A 251 22.10 2.87 0.20
C GLY A 251 22.57 3.56 -1.08
N ILE A 252 21.71 3.64 -2.09
CA ILE A 252 22.08 4.33 -3.31
C ILE A 252 21.43 5.71 -3.31
N PRO A 253 22.22 6.78 -3.58
CA PRO A 253 21.72 8.16 -3.54
C PRO A 253 20.91 8.43 -4.79
N VAL A 254 20.01 9.41 -4.70
CA VAL A 254 18.99 9.60 -5.73
C VAL A 254 19.63 9.84 -7.09
N GLU A 255 20.77 10.54 -7.11
CA GLU A 255 21.44 10.91 -8.35
C GLU A 255 21.81 9.66 -9.14
N GLU A 256 22.27 8.62 -8.42
CA GLU A 256 22.71 7.37 -9.00
C GLU A 256 21.51 6.58 -9.53
N LEU A 257 20.40 6.60 -8.78
CA LEU A 257 19.16 6.00 -9.24
C LEU A 257 18.79 6.60 -10.60
N PHE A 258 18.74 7.94 -10.68
CA PHE A 258 18.47 8.67 -11.90
C PHE A 258 19.35 8.14 -13.04
N LYS A 259 20.66 8.09 -12.77
CA LYS A 259 21.65 7.65 -13.76
C LYS A 259 21.27 6.26 -14.26
N LEU A 260 21.03 5.34 -13.32
CA LEU A 260 20.74 3.94 -13.61
C LEU A 260 19.41 3.79 -14.35
N LEU A 261 18.43 4.65 -14.04
CA LEU A 261 17.13 4.62 -14.70
C LEU A 261 17.25 5.14 -16.13
N LYS A 262 17.92 6.30 -16.29
CA LYS A 262 18.24 6.86 -17.60
C LYS A 262 19.00 5.83 -18.45
N GLU A 263 19.91 5.09 -17.81
CA GLU A 263 20.75 4.11 -18.49
C GLU A 263 20.01 2.79 -18.75
N GLY A 264 18.77 2.67 -18.27
CA GLY A 264 17.96 1.48 -18.55
C GLY A 264 18.30 0.27 -17.68
N HIS A 265 19.02 0.49 -16.58
CA HIS A 265 19.26 -0.56 -15.60
C HIS A 265 17.93 -1.16 -15.15
N ARG A 266 17.91 -2.50 -15.01
CA ARG A 266 16.82 -3.19 -14.35
C ARG A 266 17.39 -4.05 -13.22
N MET A 267 16.55 -4.36 -12.23
CA MET A 267 16.97 -5.20 -11.12
C MET A 267 17.10 -6.65 -11.57
N ASP A 268 18.06 -7.37 -10.98
CA ASP A 268 18.29 -8.77 -11.28
C ASP A 268 17.16 -9.60 -10.68
N LYS A 269 16.95 -10.80 -11.24
CA LYS A 269 15.96 -11.76 -10.80
C LYS A 269 16.35 -12.37 -9.46
N PRO A 270 15.47 -12.33 -8.42
CA PRO A 270 15.79 -12.99 -7.15
C PRO A 270 15.90 -14.50 -7.30
N ALA A 271 16.61 -15.14 -6.37
CA ALA A 271 16.77 -16.58 -6.36
C ALA A 271 15.42 -17.28 -6.29
N ASN A 272 14.55 -16.84 -5.37
CA ASN A 272 13.27 -17.49 -5.09
C ASN A 272 12.27 -17.26 -6.22
N CYS A 273 12.72 -16.60 -7.28
CA CYS A 273 11.85 -16.23 -8.38
C CYS A 273 12.00 -17.24 -9.53
N THR A 274 10.86 -17.70 -10.09
CA THR A 274 10.91 -18.49 -11.31
C THR A 274 11.03 -17.56 -12.52
N HIS A 275 11.34 -18.14 -13.69
CA HIS A 275 11.49 -17.37 -14.91
C HIS A 275 10.16 -16.69 -15.26
N ASP A 276 9.06 -17.43 -15.05
CA ASP A 276 7.73 -16.96 -15.38
C ASP A 276 7.45 -15.63 -14.69
N LEU A 277 7.73 -15.57 -13.38
CA LEU A 277 7.47 -14.39 -12.58
C LEU A 277 8.41 -13.25 -12.94
N TYR A 278 9.67 -13.58 -13.28
CA TYR A 278 10.60 -12.53 -13.66
C TYR A 278 10.12 -11.82 -14.94
N MET A 279 9.41 -12.56 -15.80
CA MET A 279 8.90 -12.02 -17.04
C MET A 279 7.74 -11.05 -16.75
N ILE A 280 6.88 -11.46 -15.81
CA ILE A 280 5.79 -10.61 -15.38
C ILE A 280 6.38 -9.35 -14.73
N MET A 281 7.51 -9.53 -14.04
CA MET A 281 8.23 -8.46 -13.37
C MET A 281 8.80 -7.46 -14.38
N ARG A 282 9.58 -7.96 -15.36
CA ARG A 282 10.22 -7.12 -16.37
C ARG A 282 9.19 -6.41 -17.24
N GLU A 283 8.06 -7.11 -17.45
CA GLU A 283 6.92 -6.61 -18.18
C GLU A 283 6.44 -5.30 -17.56
N CYS A 284 6.43 -5.21 -16.22
CA CYS A 284 5.98 -4.03 -15.51
C CYS A 284 7.00 -2.90 -15.68
N TRP A 285 8.21 -3.24 -16.17
CA TRP A 285 9.30 -2.28 -16.23
C TRP A 285 9.64 -1.86 -17.65
N HIS A 286 8.68 -2.00 -18.58
CA HIS A 286 8.82 -1.38 -19.90
C HIS A 286 8.96 0.13 -19.75
N ALA A 287 9.92 0.70 -20.51
CA ALA A 287 10.11 2.15 -20.57
C ALA A 287 8.78 2.85 -20.89
N ALA A 288 8.10 2.38 -21.94
CA ALA A 288 6.87 3.01 -22.40
C ALA A 288 5.67 2.54 -21.57
N PRO A 289 4.96 3.45 -20.86
CA PRO A 289 3.87 3.07 -19.95
C PRO A 289 2.86 2.14 -20.61
N SER A 290 2.58 2.40 -21.89
CA SER A 290 1.56 1.74 -22.70
C SER A 290 1.93 0.27 -22.96
N GLN A 291 3.23 -0.04 -22.88
CA GLN A 291 3.75 -1.37 -23.14
C GLN A 291 3.62 -2.24 -21.88
N ARG A 292 3.37 -1.61 -20.74
CA ARG A 292 3.21 -2.36 -19.50
C ARG A 292 1.84 -3.04 -19.49
N PRO A 293 1.68 -4.18 -18.80
CA PRO A 293 0.35 -4.79 -18.64
C PRO A 293 -0.53 -3.92 -17.74
N THR A 294 -1.83 -4.18 -17.77
CA THR A 294 -2.72 -3.52 -16.83
C THR A 294 -2.88 -4.41 -15.62
N PHE A 295 -3.41 -3.83 -14.54
CA PHE A 295 -3.68 -4.57 -13.31
C PHE A 295 -4.58 -5.77 -13.63
N LYS A 296 -5.56 -5.56 -14.51
CA LYS A 296 -6.44 -6.64 -14.94
C LYS A 296 -5.62 -7.78 -15.54
N GLN A 297 -4.71 -7.45 -16.47
CA GLN A 297 -3.83 -8.44 -17.08
C GLN A 297 -2.97 -9.10 -16.01
N LEU A 298 -2.39 -8.30 -15.10
CA LEU A 298 -1.55 -8.80 -14.04
C LEU A 298 -2.29 -9.82 -13.18
N VAL A 299 -3.58 -9.58 -12.93
CA VAL A 299 -4.37 -10.55 -12.18
C VAL A 299 -4.41 -11.87 -12.97
N GLU A 300 -4.71 -11.80 -14.27
CA GLU A 300 -4.79 -12.99 -15.10
C GLU A 300 -3.47 -13.74 -15.01
N ASP A 301 -2.38 -12.99 -15.19
CA ASP A 301 -1.02 -13.49 -15.25
C ASP A 301 -0.71 -14.26 -13.97
N LEU A 302 -1.00 -13.65 -12.82
CA LEU A 302 -0.64 -14.24 -11.54
C LEU A 302 -1.61 -15.37 -11.19
N ASP A 303 -2.82 -15.29 -11.75
CA ASP A 303 -3.82 -16.35 -11.59
C ASP A 303 -3.30 -17.65 -12.22
N ARG A 304 -2.80 -17.53 -13.47
CA ARG A 304 -2.18 -18.61 -14.22
C ARG A 304 -1.05 -19.26 -13.42
N VAL A 305 -0.14 -18.44 -12.87
CA VAL A 305 1.01 -18.93 -12.14
C VAL A 305 0.54 -19.61 -10.86
N LEU A 306 -0.43 -18.99 -10.20
CA LEU A 306 -1.00 -19.55 -8.98
C LEU A 306 -1.56 -20.95 -9.27
N THR A 307 -2.06 -21.15 -10.50
CA THR A 307 -2.70 -22.37 -10.95
C THR A 307 -1.68 -23.48 -11.22
N VAL A 308 -0.60 -23.15 -11.97
CA VAL A 308 0.42 -24.12 -12.35
C VAL A 308 1.18 -24.65 -11.13
N THR A 309 1.26 -23.84 -10.05
CA THR A 309 1.95 -24.20 -8.82
C THR A 309 1.14 -25.28 -8.08
C1 H6X B . -3.10 2.04 8.45
C2 H6X B . -3.94 2.99 7.67
C3 H6X B . -4.58 4.10 8.26
C4 H6X B . -5.33 4.99 7.49
C5 H6X B . -5.46 4.79 6.12
C6 H6X B . -4.84 3.68 5.53
C7 H6X B . -4.10 2.79 6.30
O8 H6X B . -5.94 6.08 8.10
O9 H6X B . -4.95 3.42 4.17
C10 H6X B . -5.56 4.53 3.52
C11 H6X B . -6.46 6.99 7.12
N12 H6X B . -1.30 -3.04 12.04
C13 H6X B . 0.00 -3.12 12.55
C14 H6X B . 0.97 -2.19 12.23
C15 H6X B . 2.26 -2.31 12.77
C16 H6X B . 2.60 -3.37 13.66
C17 H6X B . 1.62 -4.32 13.98
C18 H6X B . 0.33 -4.17 13.43
N19 H6X B . 3.85 -3.58 14.26
C20 H6X B . 4.06 -4.74 15.15
C21 H6X B . 5.55 -5.07 15.33
C22 H6X B . 6.35 -3.87 15.87
C23 H6X B . 5.95 -2.51 15.23
C24 H6X B . 4.99 -2.66 14.03
N25 H6X B . 7.83 -4.17 16.01
C26 H6X B . 8.24 -4.60 17.40
C27 H6X B . 9.48 -3.86 17.93
N28 H6X B . 9.54 -2.42 17.49
C29 H6X B . 9.39 -2.15 15.99
C30 H6X B . 8.85 -3.36 15.22
C31 H6X B . 8.83 -1.44 18.37
C32 H6X B . -3.71 -1.03 10.37
N33 H6X B . -1.14 -0.76 11.17
C34 H6X B . -1.85 -1.91 11.40
N35 H6X B . -3.13 -2.07 11.00
C36 H6X B . -3.09 0.18 10.12
C37 H6X B . -1.77 0.27 10.55
C38 H6X B . -3.89 1.24 9.43
O39 H6X B . 3.17 -1.32 12.39
C40 H6X B . 2.90 -0.96 11.03
#